data_6IG8
#
_entry.id   6IG8
#
_cell.length_a   62.520
_cell.length_b   62.520
_cell.length_c   185.310
_cell.angle_alpha   90.000
_cell.angle_beta   90.000
_cell.angle_gamma   90.000
#
_symmetry.space_group_name_H-M   'P 43 21 2'
#
loop_
_entity.id
_entity.type
_entity.pdbx_description
1 polymer 'Macrophage colony-stimulating factor 1 receptor'
2 non-polymer 'MAGNESIUM ION'
3 non-polymer GLYCEROL
4 non-polymer (3-{4-[(4-cyclopropylphenyl)methoxy]-3-methoxyphenyl}azetidin-1-yl)(4-{[(2S)-2,3-dihydroxypropoxy]methyl}pyridin-2-yl)methanone
5 water water
#
_entity_poly.entity_id   1
_entity_poly.type   'polypeptide(L)'
_entity_poly.pdbx_seq_one_letter_code
;WKIIESYEGNSYTFIDPTQLPYNEKWEFPRNNLQFGKTLGAGAFGKVVEATAFGLGKEDAVLKVAVKMLKSTAHADEKEA
LMSELKIMSHLGQHENIVNLLGACTHGGPVLVITEYCCYGDLLNFLRRKAEAMLGPSLAPGQDPEGLDKEDGRPLELRDL
LHFSSQVAQGMAFLASKNCIHRDVAARNVLLTNGHVAKIGDFGLARDIMNDSNYIVKGNARLPVKWMAPESIFDCVYTVQ
SDVWSYGILLWEIFSLGLNPYPGILVNSKFYKLVKDGYQMAQPAFAPKNIYSIMQACWALEPTHRPTFQQICSFLQEQAQ
EDRR
;
_entity_poly.pdbx_strand_id   A
#
loop_
_chem_comp.id
_chem_comp.type
_chem_comp.name
_chem_comp.formula
A7O non-polymer (3-{4-[(4-cyclopropylphenyl)methoxy]-3-methoxyphenyl}azetidin-1-yl)(4-{[(2S)-2,3-dihydroxypropoxy]methyl}pyridin-2-yl)methanone 'C30 H34 N2 O6'
GOL non-polymer GLYCEROL 'C3 H8 O3'
MG non-polymer 'MAGNESIUM ION' 'Mg 2'
#
# COMPACT_ATOMS: atom_id res chain seq x y z
N TRP A 1 -1.80 -10.05 -1.94
CA TRP A 1 -3.21 -9.87 -1.53
C TRP A 1 -4.03 -11.11 -1.87
N LYS A 2 -5.10 -11.38 -1.12
CA LYS A 2 -6.00 -12.54 -1.32
C LYS A 2 -7.42 -12.12 -0.92
N ILE A 3 -8.45 -12.63 -1.59
CA ILE A 3 -9.87 -12.31 -1.26
C ILE A 3 -10.51 -13.63 -0.80
N ILE A 4 -11.24 -13.66 0.34
CA ILE A 4 -11.91 -14.85 0.91
C ILE A 4 -13.30 -15.01 0.25
N GLU A 5 -13.78 -16.25 0.13
CA GLU A 5 -15.13 -16.57 -0.35
C GLU A 5 -15.93 -17.07 0.87
N THR A 13 -11.33 -20.33 2.82
CA THR A 13 -10.64 -20.58 1.53
C THR A 13 -10.57 -19.26 0.73
N PHE A 14 -9.62 -19.14 -0.19
CA PHE A 14 -9.42 -17.91 -0.99
C PHE A 14 -9.94 -18.10 -2.41
N ILE A 15 -10.27 -16.97 -3.06
CA ILE A 15 -10.80 -16.91 -4.43
C ILE A 15 -9.58 -16.99 -5.37
N ASP A 16 -9.68 -17.77 -6.47
CA ASP A 16 -8.64 -17.79 -7.48
C ASP A 16 -8.85 -16.59 -8.41
N PRO A 17 -8.00 -15.53 -8.35
CA PRO A 17 -8.26 -14.32 -9.11
C PRO A 17 -8.19 -14.54 -10.63
N THR A 18 -7.49 -15.60 -11.06
CA THR A 18 -7.40 -15.92 -12.48
C THR A 18 -8.78 -16.26 -13.04
N GLN A 19 -9.71 -16.68 -12.17
CA GLN A 19 -11.02 -17.12 -12.61
C GLN A 19 -12.01 -15.96 -12.59
N LEU A 20 -11.63 -14.82 -12.02
CA LEU A 20 -12.52 -13.67 -12.06
C LEU A 20 -12.73 -13.20 -13.50
N PRO A 21 -13.84 -12.51 -13.78
CA PRO A 21 -14.08 -11.96 -15.13
C PRO A 21 -13.45 -10.58 -15.30
N TYR A 22 -12.93 -10.33 -16.51
CA TYR A 22 -12.63 -8.96 -16.93
C TYR A 22 -13.86 -8.40 -17.64
N ASN A 23 -14.41 -7.30 -17.12
CA ASN A 23 -15.53 -6.64 -17.75
C ASN A 23 -15.02 -5.52 -18.68
N GLU A 24 -15.47 -5.54 -19.93
CA GLU A 24 -14.98 -4.64 -20.95
C GLU A 24 -15.50 -3.21 -20.77
N LYS A 25 -16.38 -2.97 -19.79
CA LYS A 25 -16.74 -1.62 -19.39
C LYS A 25 -15.49 -0.77 -19.16
N TRP A 26 -14.37 -1.39 -18.75
CA TRP A 26 -13.14 -0.66 -18.46
C TRP A 26 -12.31 -0.35 -19.71
N GLU A 27 -12.62 -0.95 -20.87
CA GLU A 27 -11.67 -0.93 -21.96
C GLU A 27 -11.51 0.48 -22.51
N PHE A 28 -10.26 0.82 -22.83
CA PHE A 28 -9.91 2.14 -23.32
C PHE A 28 -8.95 1.91 -24.47
N PRO A 29 -8.99 2.75 -25.53
CA PRO A 29 -8.09 2.56 -26.66
C PRO A 29 -6.66 2.99 -26.32
N ARG A 30 -5.70 2.08 -26.52
CA ARG A 30 -4.32 2.39 -26.16
C ARG A 30 -3.76 3.58 -26.95
N ASN A 31 -4.31 3.82 -28.16
CA ASN A 31 -3.82 4.89 -28.99
C ASN A 31 -4.15 6.27 -28.40
N ASN A 32 -5.07 6.30 -27.45
CA ASN A 32 -5.44 7.55 -26.79
C ASN A 32 -4.74 7.74 -25.44
N LEU A 33 -3.62 7.05 -25.25
CA LEU A 33 -2.67 7.38 -24.19
C LEU A 33 -1.45 8.03 -24.81
N GLN A 34 -0.94 9.09 -24.19
CA GLN A 34 0.36 9.64 -24.51
C GLN A 34 1.23 9.57 -23.28
N PHE A 35 2.29 8.75 -23.36
CA PHE A 35 3.08 8.43 -22.20
C PHE A 35 4.08 9.52 -21.83
N GLY A 36 4.41 9.61 -20.54
CA GLY A 36 5.45 10.48 -20.04
C GLY A 36 6.51 9.68 -19.31
N LYS A 37 6.87 10.19 -18.14
CA LYS A 37 7.97 9.67 -17.34
C LYS A 37 7.54 8.39 -16.63
N THR A 38 8.53 7.53 -16.40
CA THR A 38 8.35 6.35 -15.55
C THR A 38 8.31 6.77 -14.08
N LEU A 39 7.34 6.22 -13.33
CA LEU A 39 7.12 6.59 -11.94
C LEU A 39 7.70 5.54 -10.99
N GLY A 40 7.85 4.31 -11.48
CA GLY A 40 8.36 3.21 -10.67
C GLY A 40 8.58 1.98 -11.53
N ALA A 41 9.57 1.15 -11.18
CA ALA A 41 9.84 -0.05 -11.96
C ALA A 41 10.42 -1.14 -11.07
N GLY A 42 10.00 -2.35 -11.37
CA GLY A 42 10.58 -3.57 -10.82
C GLY A 42 11.25 -4.35 -11.95
N ALA A 43 11.52 -5.63 -11.69
CA ALA A 43 12.22 -6.46 -12.67
C ALA A 43 11.38 -6.63 -13.94
N PHE A 44 10.06 -6.77 -13.79
CA PHE A 44 9.20 -7.25 -14.87
C PHE A 44 8.06 -6.30 -15.22
N GLY A 45 7.90 -5.23 -14.44
CA GLY A 45 6.78 -4.32 -14.61
C GLY A 45 7.16 -2.90 -14.21
N LYS A 46 6.30 -1.96 -14.59
CA LYS A 46 6.57 -0.56 -14.33
C LYS A 46 5.25 0.19 -14.33
N VAL A 47 5.33 1.40 -13.79
N VAL A 47 5.26 1.38 -13.72
CA VAL A 47 4.23 2.35 -13.83
CA VAL A 47 4.15 2.30 -13.91
C VAL A 47 4.75 3.62 -14.50
C VAL A 47 4.72 3.60 -14.49
N VAL A 48 3.99 4.10 -15.49
CA VAL A 48 4.41 5.23 -16.31
C VAL A 48 3.24 6.25 -16.27
N GLU A 49 3.56 7.52 -16.11
CA GLU A 49 2.53 8.53 -16.26
C GLU A 49 2.08 8.59 -17.74
N ALA A 50 0.86 9.04 -17.95
CA ALA A 50 0.32 9.29 -19.28
C ALA A 50 -0.76 10.34 -19.21
N THR A 51 -1.03 10.96 -20.35
CA THR A 51 -2.29 11.66 -20.54
C THR A 51 -3.25 10.75 -21.32
N ALA A 52 -4.44 10.59 -20.75
CA ALA A 52 -5.52 9.87 -21.41
C ALA A 52 -6.48 10.87 -22.02
N PHE A 53 -6.85 10.63 -23.28
CA PHE A 53 -7.76 11.51 -24.00
C PHE A 53 -9.12 10.83 -24.10
N GLY A 54 -10.10 11.41 -23.42
CA GLY A 54 -11.48 10.98 -23.53
C GLY A 54 -11.80 9.79 -22.62
N LEU A 55 -11.26 9.84 -21.41
CA LEU A 55 -11.36 8.75 -20.43
C LEU A 55 -12.64 8.87 -19.59
N GLY A 56 -13.48 7.84 -19.56
CA GLY A 56 -14.62 7.78 -18.66
C GLY A 56 -15.86 8.49 -19.21
N LYS A 57 -16.90 8.47 -18.38
CA LYS A 57 -18.21 9.04 -18.70
C LYS A 57 -18.08 10.47 -19.23
N GLU A 58 -17.23 11.28 -18.57
CA GLU A 58 -17.13 12.71 -18.91
C GLU A 58 -16.14 12.98 -20.06
N ASP A 59 -15.58 11.93 -20.66
CA ASP A 59 -14.55 12.09 -21.69
C ASP A 59 -13.50 13.09 -21.21
N ALA A 60 -12.93 12.78 -20.06
CA ALA A 60 -11.95 13.62 -19.42
C ALA A 60 -10.62 13.49 -20.19
N VAL A 61 -9.80 14.53 -20.10
CA VAL A 61 -8.42 14.57 -20.64
C VAL A 61 -7.59 14.82 -19.39
N LEU A 62 -6.90 13.81 -18.87
CA LEU A 62 -6.21 13.99 -17.58
C LEU A 62 -4.98 13.11 -17.48
N LYS A 63 -4.16 13.43 -16.49
CA LYS A 63 -2.93 12.72 -16.16
C LYS A 63 -3.36 11.46 -15.40
N VAL A 64 -2.90 10.29 -15.83
CA VAL A 64 -3.19 9.01 -15.23
C VAL A 64 -1.86 8.28 -15.02
N ALA A 65 -1.91 7.14 -14.30
CA ALA A 65 -0.80 6.26 -14.20
C ALA A 65 -1.13 4.96 -14.91
N VAL A 66 -0.15 4.38 -15.58
CA VAL A 66 -0.37 3.17 -16.34
C VAL A 66 0.59 2.11 -15.88
N LYS A 67 0.05 0.98 -15.38
CA LYS A 67 0.87 -0.14 -14.99
C LYS A 67 0.96 -1.10 -16.17
N MET A 68 2.18 -1.56 -16.46
CA MET A 68 2.41 -2.40 -17.63
C MET A 68 3.62 -3.29 -17.41
N LEU A 69 3.81 -4.27 -18.28
CA LEU A 69 4.96 -5.18 -18.17
C LEU A 69 6.14 -4.63 -18.97
N LYS A 70 7.36 -4.95 -18.56
CA LYS A 70 8.57 -4.67 -19.30
C LYS A 70 8.85 -5.83 -20.28
N SER A 71 9.86 -5.68 -21.15
CA SER A 71 10.15 -6.68 -22.17
C SER A 71 10.77 -7.94 -21.54
N THR A 72 11.19 -7.84 -20.27
CA THR A 72 11.70 -8.96 -19.50
C THR A 72 10.59 -9.89 -18.96
N ALA A 73 9.32 -9.47 -19.03
CA ALA A 73 8.22 -10.25 -18.49
C ALA A 73 7.86 -11.44 -19.39
N HIS A 74 7.30 -12.49 -18.76
CA HIS A 74 6.72 -13.64 -19.45
C HIS A 74 5.26 -13.84 -19.04
N ALA A 75 4.67 -14.96 -19.47
CA ALA A 75 3.25 -15.24 -19.30
C ALA A 75 2.80 -15.17 -17.84
N ASP A 76 3.65 -15.64 -16.88
CA ASP A 76 3.25 -15.62 -15.48
C ASP A 76 3.04 -14.19 -14.96
N GLU A 77 3.87 -13.24 -15.41
CA GLU A 77 3.75 -11.83 -15.05
C GLU A 77 2.53 -11.21 -15.74
N LYS A 78 2.15 -11.67 -16.95
CA LYS A 78 0.93 -11.23 -17.69
C LYS A 78 -0.28 -11.63 -16.93
N GLU A 79 -0.17 -12.80 -16.41
CA GLU A 79 -1.30 -13.32 -15.67
C GLU A 79 -1.45 -12.58 -14.33
N ALA A 80 -0.33 -12.28 -13.68
CA ALA A 80 -0.37 -11.52 -12.45
C ALA A 80 -0.95 -10.11 -12.67
N LEU A 81 -0.57 -9.46 -13.76
CA LEU A 81 -1.09 -8.11 -14.03
C LEU A 81 -2.59 -8.16 -14.32
N MET A 82 -3.03 -9.17 -15.10
CA MET A 82 -4.45 -9.35 -15.35
C MET A 82 -5.19 -9.62 -14.02
N SER A 83 -4.58 -10.38 -13.11
CA SER A 83 -5.22 -10.65 -11.82
C SER A 83 -5.41 -9.37 -11.01
N GLU A 84 -4.40 -8.51 -11.07
CA GLU A 84 -4.49 -7.23 -10.39
C GLU A 84 -5.63 -6.41 -10.99
N LEU A 85 -5.71 -6.32 -12.31
CA LEU A 85 -6.80 -5.61 -12.96
C LEU A 85 -8.15 -6.15 -12.50
N LYS A 86 -8.32 -7.47 -12.58
N LYS A 86 -8.33 -7.48 -12.58
CA LYS A 86 -9.62 -8.09 -12.23
CA LYS A 86 -9.62 -8.08 -12.20
C LYS A 86 -9.93 -7.87 -10.73
C LYS A 86 -9.92 -7.82 -10.73
N ILE A 87 -8.90 -7.86 -9.89
CA ILE A 87 -9.27 -7.67 -8.45
C ILE A 87 -9.64 -6.21 -8.19
N MET A 88 -9.00 -5.26 -8.87
CA MET A 88 -9.33 -3.83 -8.66
C MET A 88 -10.78 -3.59 -9.11
N SER A 89 -11.18 -4.21 -10.22
N SER A 89 -11.18 -4.20 -10.23
CA SER A 89 -12.57 -4.08 -10.72
CA SER A 89 -12.57 -4.07 -10.73
C SER A 89 -13.55 -4.74 -9.74
C SER A 89 -13.55 -4.73 -9.75
N HIS A 90 -13.14 -5.88 -9.20
CA HIS A 90 -13.99 -6.65 -8.26
C HIS A 90 -14.21 -5.92 -6.92
N LEU A 91 -13.18 -5.24 -6.42
CA LEU A 91 -13.26 -4.67 -5.06
C LEU A 91 -14.13 -3.41 -5.07
N GLY A 92 -14.20 -2.74 -6.21
CA GLY A 92 -14.95 -1.50 -6.31
C GLY A 92 -14.13 -0.31 -5.82
N GLN A 93 -14.75 0.87 -5.83
CA GLN A 93 -14.02 2.12 -5.68
C GLN A 93 -14.16 2.69 -4.27
N HIS A 94 -13.12 3.37 -3.81
CA HIS A 94 -13.12 4.08 -2.52
C HIS A 94 -12.12 5.25 -2.58
N GLU A 95 -12.43 6.31 -1.85
N GLU A 95 -12.41 6.29 -1.80
CA GLU A 95 -11.61 7.51 -1.79
CA GLU A 95 -11.62 7.51 -1.79
C GLU A 95 -10.18 7.19 -1.34
C GLU A 95 -10.19 7.24 -1.29
N ASN A 96 -10.00 6.22 -0.44
CA ASN A 96 -8.69 5.96 0.16
C ASN A 96 -8.03 4.68 -0.36
N ILE A 97 -8.38 4.25 -1.59
CA ILE A 97 -7.58 3.28 -2.32
C ILE A 97 -7.17 3.88 -3.65
N VAL A 98 -6.15 3.28 -4.26
CA VAL A 98 -5.75 3.63 -5.60
C VAL A 98 -6.78 3.02 -6.55
N ASN A 99 -7.55 3.86 -7.26
CA ASN A 99 -8.65 3.34 -8.07
C ASN A 99 -8.25 3.06 -9.51
N LEU A 100 -8.94 2.06 -10.05
CA LEU A 100 -8.88 1.73 -11.47
C LEU A 100 -9.67 2.73 -12.28
N LEU A 101 -9.12 3.17 -13.43
CA LEU A 101 -9.82 4.08 -14.32
C LEU A 101 -10.10 3.43 -15.68
N GLY A 102 -9.34 2.42 -16.08
CA GLY A 102 -9.48 1.85 -17.41
C GLY A 102 -8.45 0.74 -17.61
N ALA A 103 -8.52 0.05 -18.74
CA ALA A 103 -7.51 -0.88 -19.13
C ALA A 103 -7.47 -1.00 -20.66
N CYS A 104 -6.31 -1.43 -21.16
CA CYS A 104 -6.15 -1.79 -22.55
C CYS A 104 -5.74 -3.25 -22.62
N THR A 105 -6.65 -4.10 -23.11
CA THR A 105 -6.40 -5.53 -23.20
C THR A 105 -6.42 -6.02 -24.64
N HIS A 106 -7.03 -5.29 -25.57
CA HIS A 106 -7.02 -5.66 -26.98
C HIS A 106 -5.89 -4.94 -27.70
N GLY A 107 -5.34 -5.59 -28.74
CA GLY A 107 -4.51 -4.89 -29.71
C GLY A 107 -3.09 -4.62 -29.23
N GLY A 108 -2.63 -5.35 -28.21
CA GLY A 108 -1.30 -5.11 -27.70
C GLY A 108 -1.19 -5.55 -26.24
N PRO A 109 -0.07 -5.18 -25.58
CA PRO A 109 0.20 -5.60 -24.21
C PRO A 109 -0.87 -5.03 -23.26
N VAL A 110 -1.06 -5.71 -22.13
CA VAL A 110 -2.05 -5.26 -21.17
C VAL A 110 -1.53 -4.00 -20.45
N LEU A 111 -2.39 -2.96 -20.43
CA LEU A 111 -2.13 -1.71 -19.73
C LEU A 111 -3.22 -1.54 -18.68
N VAL A 112 -2.81 -1.23 -17.44
CA VAL A 112 -3.79 -0.98 -16.41
C VAL A 112 -3.72 0.50 -16.03
N ILE A 113 -4.83 1.23 -16.25
CA ILE A 113 -4.86 2.66 -16.06
C ILE A 113 -5.47 2.96 -14.69
N THR A 114 -4.70 3.68 -13.86
CA THR A 114 -5.16 4.02 -12.52
C THR A 114 -5.06 5.52 -12.33
N GLU A 115 -5.63 5.97 -11.22
N GLU A 115 -5.64 6.02 -11.24
CA GLU A 115 -5.43 7.34 -10.75
CA GLU A 115 -5.50 7.44 -10.97
C GLU A 115 -3.94 7.64 -10.70
C GLU A 115 -4.05 7.71 -10.58
N TYR A 116 -3.59 8.88 -10.98
CA TYR A 116 -2.26 9.38 -10.66
C TYR A 116 -2.34 10.23 -9.39
N CYS A 117 -1.37 10.00 -8.49
CA CYS A 117 -1.35 10.62 -7.18
C CYS A 117 -0.13 11.54 -7.09
N CYS A 118 -0.36 12.85 -7.17
CA CYS A 118 0.67 13.79 -7.55
C CYS A 118 1.77 13.92 -6.50
N TYR A 119 1.54 13.52 -5.22
CA TYR A 119 2.62 13.63 -4.23
C TYR A 119 3.44 12.36 -4.05
N GLY A 120 3.09 11.27 -4.74
CA GLY A 120 3.86 10.04 -4.66
C GLY A 120 3.67 9.29 -3.35
N ASP A 121 4.62 8.40 -3.03
CA ASP A 121 4.39 7.49 -1.91
C ASP A 121 4.57 8.20 -0.58
N LEU A 122 3.80 7.76 0.42
CA LEU A 122 3.77 8.41 1.72
C LEU A 122 5.14 8.37 2.38
N LEU A 123 5.91 7.28 2.20
CA LEU A 123 7.15 7.14 2.95
C LEU A 123 8.15 8.19 2.50
N ASN A 124 8.34 8.30 1.18
CA ASN A 124 9.22 9.32 0.64
C ASN A 124 8.72 10.71 1.02
N PHE A 125 7.40 10.90 1.01
CA PHE A 125 6.83 12.19 1.31
C PHE A 125 7.20 12.61 2.73
N LEU A 126 7.07 11.69 3.69
CA LEU A 126 7.36 12.03 5.07
C LEU A 126 8.85 12.31 5.23
N ARG A 127 9.68 11.52 4.56
CA ARG A 127 11.12 11.68 4.69
C ARG A 127 11.56 13.04 4.13
N ARG A 128 11.02 13.41 2.96
N ARG A 128 10.98 13.47 3.01
CA ARG A 128 11.40 14.67 2.29
CA ARG A 128 11.48 14.68 2.36
C ARG A 128 10.91 15.84 3.12
C ARG A 128 10.82 15.92 2.98
N LYS A 129 9.73 15.76 3.63
CA LYS A 129 9.06 16.82 4.42
C LYS A 129 9.86 17.04 5.71
N ALA A 130 10.28 15.97 6.39
CA ALA A 130 11.12 16.11 7.57
C ALA A 130 12.37 16.93 7.24
N GLU A 131 13.01 16.59 6.12
CA GLU A 131 14.22 17.29 5.71
C GLU A 131 13.92 18.76 5.42
N ALA A 132 12.81 19.03 4.73
CA ALA A 132 12.39 20.40 4.45
C ALA A 132 12.10 21.17 5.73
N MET A 133 11.57 20.49 6.74
CA MET A 133 11.24 21.16 7.98
C MET A 133 12.50 21.48 8.79
N LEU A 134 13.57 20.69 8.65
CA LEU A 134 14.83 21.01 9.30
C LEU A 134 15.67 22.03 8.52
N GLY A 135 15.26 22.37 7.30
CA GLY A 135 16.12 23.06 6.35
C GLY A 135 16.54 24.47 6.77
N PRO A 136 15.60 25.33 7.28
CA PRO A 136 15.95 26.67 7.75
C PRO A 136 17.09 26.78 8.76
N SER A 137 17.07 25.94 9.80
CA SER A 137 18.20 25.87 10.73
C SER A 137 19.44 25.34 10.02
N LEU A 138 19.28 24.34 9.15
CA LEU A 138 20.42 23.68 8.54
C LEU A 138 20.51 24.04 7.05
N GLY A 152 4.25 23.12 1.01
CA GLY A 152 4.32 24.46 1.63
C GLY A 152 4.68 24.40 3.11
N ARG A 153 3.64 24.29 3.95
CA ARG A 153 3.77 24.53 5.37
C ARG A 153 4.36 23.30 6.05
N PRO A 154 4.91 23.41 7.28
CA PRO A 154 5.33 22.22 8.01
C PRO A 154 4.16 21.28 8.34
N LEU A 155 4.48 19.98 8.45
CA LEU A 155 3.54 19.02 9.03
C LEU A 155 3.22 19.39 10.46
N GLU A 156 1.97 19.08 10.82
N GLU A 156 1.95 19.16 10.84
CA GLU A 156 1.47 19.17 12.18
CA GLU A 156 1.55 19.15 12.23
C GLU A 156 0.91 17.79 12.55
C GLU A 156 0.93 17.80 12.55
N LEU A 157 0.72 17.57 13.85
CA LEU A 157 0.22 16.30 14.35
C LEU A 157 -1.07 15.95 13.64
N ARG A 158 -1.92 16.96 13.44
CA ARG A 158 -3.19 16.69 12.80
C ARG A 158 -3.02 16.09 11.39
N ASP A 159 -1.98 16.48 10.67
CA ASP A 159 -1.74 15.89 9.37
C ASP A 159 -1.45 14.39 9.48
N LEU A 160 -0.58 14.02 10.44
CA LEU A 160 -0.22 12.62 10.66
C LEU A 160 -1.47 11.82 11.03
N LEU A 161 -2.35 12.42 11.84
CA LEU A 161 -3.59 11.76 12.20
C LEU A 161 -4.49 11.58 10.98
N HIS A 162 -4.58 12.58 10.11
CA HIS A 162 -5.38 12.46 8.89
C HIS A 162 -4.83 11.36 7.97
N PHE A 163 -3.51 11.29 7.75
CA PHE A 163 -2.96 10.24 6.91
C PHE A 163 -3.33 8.88 7.51
N SER A 164 -3.18 8.76 8.83
CA SER A 164 -3.45 7.49 9.52
C SER A 164 -4.91 7.09 9.35
N SER A 165 -5.80 8.06 9.57
CA SER A 165 -7.24 7.84 9.45
C SER A 165 -7.64 7.41 8.03
N GLN A 166 -7.08 8.09 7.05
CA GLN A 166 -7.33 7.83 5.63
C GLN A 166 -6.90 6.42 5.26
N VAL A 167 -5.71 6.00 5.67
CA VAL A 167 -5.26 4.65 5.35
C VAL A 167 -6.17 3.64 6.04
N ALA A 168 -6.56 3.91 7.29
CA ALA A 168 -7.43 3.01 8.02
C ALA A 168 -8.77 2.85 7.31
N GLN A 169 -9.29 3.93 6.73
CA GLN A 169 -10.57 3.87 6.04
C GLN A 169 -10.46 3.03 4.77
N GLY A 170 -9.34 3.19 4.04
CA GLY A 170 -9.07 2.36 2.88
C GLY A 170 -9.00 0.89 3.27
N MET A 171 -8.31 0.63 4.39
CA MET A 171 -8.18 -0.74 4.85
C MET A 171 -9.52 -1.29 5.33
N ALA A 172 -10.33 -0.47 6.01
CA ALA A 172 -11.64 -0.95 6.44
C ALA A 172 -12.48 -1.31 5.22
N PHE A 173 -12.35 -0.53 4.13
CA PHE A 173 -13.06 -0.80 2.91
C PHE A 173 -12.62 -2.14 2.35
N LEU A 174 -11.30 -2.34 2.19
CA LEU A 174 -10.77 -3.60 1.68
C LEU A 174 -11.24 -4.78 2.55
N ALA A 175 -11.15 -4.61 3.85
CA ALA A 175 -11.56 -5.68 4.75
C ALA A 175 -13.05 -6.02 4.59
N SER A 176 -13.86 -5.00 4.32
CA SER A 176 -15.31 -5.15 4.12
C SER A 176 -15.59 -5.96 2.86
N LYS A 177 -14.62 -6.04 1.94
CA LYS A 177 -14.74 -6.78 0.70
C LYS A 177 -14.00 -8.12 0.78
N ASN A 178 -13.65 -8.54 1.99
CA ASN A 178 -12.99 -9.80 2.30
C ASN A 178 -11.60 -9.87 1.65
N CYS A 179 -10.97 -8.70 1.51
CA CYS A 179 -9.62 -8.58 0.90
C CYS A 179 -8.56 -8.51 2.00
N ILE A 180 -7.58 -9.35 1.91
N ILE A 180 -7.63 -9.42 1.97
CA ILE A 180 -6.39 -9.31 2.74
CA ILE A 180 -6.40 -9.31 2.71
C ILE A 180 -5.25 -8.77 1.87
C ILE A 180 -5.36 -8.69 1.78
N HIS A 181 -4.68 -7.64 2.27
CA HIS A 181 -3.74 -6.90 1.46
C HIS A 181 -2.36 -7.58 1.41
N ARG A 182 -1.81 -7.92 2.58
CA ARG A 182 -0.54 -8.65 2.81
C ARG A 182 0.72 -7.78 2.59
N ASP A 183 0.63 -6.51 2.16
CA ASP A 183 1.83 -5.67 2.11
C ASP A 183 1.49 -4.24 2.51
N VAL A 184 0.79 -4.10 3.63
CA VAL A 184 0.49 -2.80 4.20
C VAL A 184 1.79 -2.20 4.72
N ALA A 185 2.12 -1.03 4.22
CA ALA A 185 3.38 -0.34 4.49
C ALA A 185 3.26 1.07 3.88
N ALA A 186 3.98 2.04 4.43
CA ALA A 186 3.91 3.41 3.93
C ALA A 186 4.34 3.49 2.48
N ARG A 187 5.23 2.59 2.06
CA ARG A 187 5.69 2.56 0.68
C ARG A 187 4.59 2.21 -0.31
N ASN A 188 3.48 1.62 0.16
CA ASN A 188 2.35 1.25 -0.70
C ASN A 188 1.18 2.22 -0.55
N VAL A 189 1.39 3.31 0.18
CA VAL A 189 0.41 4.37 0.31
C VAL A 189 0.82 5.56 -0.57
N LEU A 190 -0.12 6.09 -1.37
CA LEU A 190 0.15 7.28 -2.15
C LEU A 190 -0.64 8.46 -1.58
N LEU A 191 -0.17 9.66 -1.91
CA LEU A 191 -0.85 10.90 -1.57
C LEU A 191 -1.20 11.66 -2.83
N THR A 192 -2.48 11.98 -2.95
CA THR A 192 -3.02 12.63 -4.13
C THR A 192 -3.37 14.06 -3.74
N ASN A 193 -4.09 14.72 -4.64
CA ASN A 193 -4.49 16.10 -4.42
C ASN A 193 -5.06 16.26 -3.02
N GLY A 194 -4.69 17.37 -2.37
CA GLY A 194 -5.18 17.65 -1.04
C GLY A 194 -4.46 16.78 0.00
N HIS A 195 -3.35 16.13 -0.41
CA HIS A 195 -2.61 15.21 0.46
C HIS A 195 -3.53 14.15 1.05
N VAL A 196 -4.47 13.64 0.25
CA VAL A 196 -5.32 12.53 0.65
C VAL A 196 -4.59 11.19 0.42
N ALA A 197 -4.56 10.34 1.45
CA ALA A 197 -3.85 9.07 1.36
C ALA A 197 -4.71 7.97 0.73
N LYS A 198 -4.05 7.14 -0.06
CA LYS A 198 -4.65 6.02 -0.75
C LYS A 198 -3.75 4.79 -0.64
N ILE A 199 -4.32 3.66 -0.18
CA ILE A 199 -3.59 2.41 -0.13
C ILE A 199 -3.74 1.67 -1.48
N GLY A 200 -2.61 1.15 -1.93
CA GLY A 200 -2.59 0.26 -3.09
C GLY A 200 -1.47 -0.77 -2.95
N ASP A 201 -0.99 -1.27 -4.08
CA ASP A 201 0.19 -2.14 -4.08
C ASP A 201 0.96 -1.96 -5.38
N PHE A 202 2.20 -1.52 -5.30
CA PHE A 202 3.01 -1.36 -6.49
C PHE A 202 3.24 -2.69 -7.19
N GLY A 203 3.26 -3.79 -6.41
CA GLY A 203 3.29 -5.11 -7.02
C GLY A 203 4.51 -5.27 -7.94
N LEU A 204 4.26 -5.60 -9.20
CA LEU A 204 5.34 -5.84 -10.15
C LEU A 204 6.14 -4.58 -10.45
N ALA A 205 5.60 -3.41 -10.13
CA ALA A 205 6.30 -2.18 -10.44
C ALA A 205 7.22 -1.74 -9.29
N ARG A 206 7.49 -2.69 -8.41
N ARG A 206 7.47 -2.68 -8.40
CA ARG A 206 8.35 -2.53 -7.26
CA ARG A 206 8.36 -2.51 -7.27
C ARG A 206 9.60 -3.43 -7.46
C ARG A 206 9.60 -3.43 -7.48
N ASP A 207 10.88 -2.96 -7.32
CA ASP A 207 12.05 -3.81 -7.50
C ASP A 207 12.39 -4.57 -6.22
N ILE A 208 11.66 -5.67 -5.99
N ILE A 208 11.59 -5.60 -5.87
CA ILE A 208 11.62 -6.35 -4.71
CA ILE A 208 11.72 -6.21 -4.57
C ILE A 208 12.89 -7.17 -4.49
C ILE A 208 13.10 -6.88 -4.44
N MET A 209 13.68 -7.33 -5.56
CA MET A 209 14.91 -8.15 -5.52
C MET A 209 16.09 -7.36 -4.96
N ASN A 210 16.06 -6.03 -5.03
CA ASN A 210 17.17 -5.20 -4.60
C ASN A 210 16.73 -4.26 -3.48
N ASP A 211 15.63 -4.61 -2.81
CA ASP A 211 15.01 -3.74 -1.81
C ASP A 211 15.28 -4.35 -0.43
N SER A 212 15.96 -3.59 0.45
CA SER A 212 16.37 -4.08 1.75
C SER A 212 15.17 -4.32 2.69
N ASN A 213 13.96 -3.89 2.30
CA ASN A 213 12.77 -4.11 3.11
C ASN A 213 12.13 -5.47 2.85
N TYR A 214 12.57 -6.18 1.80
CA TYR A 214 12.07 -7.49 1.49
C TYR A 214 13.20 -8.51 1.68
N ILE A 215 12.95 -9.52 2.50
CA ILE A 215 13.98 -10.42 3.00
C ILE A 215 13.68 -11.79 2.42
N VAL A 216 14.73 -12.50 2.01
CA VAL A 216 14.61 -13.89 1.58
C VAL A 216 14.09 -14.69 2.76
N LYS A 217 12.91 -15.29 2.61
CA LYS A 217 12.48 -16.32 3.52
C LYS A 217 11.84 -17.44 2.70
N GLY A 218 12.58 -18.53 2.52
CA GLY A 218 12.17 -19.61 1.62
C GLY A 218 12.38 -19.24 0.16
N ASN A 219 11.34 -19.48 -0.64
CA ASN A 219 11.34 -19.14 -2.05
C ASN A 219 11.14 -17.64 -2.21
N ALA A 220 10.47 -17.03 -1.22
CA ALA A 220 9.82 -15.74 -1.41
C ALA A 220 10.68 -14.61 -0.86
N ARG A 221 10.36 -13.39 -1.30
CA ARG A 221 10.95 -12.13 -0.77
C ARG A 221 9.80 -11.46 -0.03
N LEU A 222 9.93 -11.31 1.29
CA LEU A 222 8.79 -10.99 2.11
C LEU A 222 9.12 -9.75 2.93
N PRO A 223 8.13 -8.88 3.19
CA PRO A 223 8.35 -7.70 4.04
C PRO A 223 8.31 -8.07 5.53
N VAL A 224 9.09 -9.06 5.91
N VAL A 224 9.12 -9.05 5.94
CA VAL A 224 9.19 -9.61 7.30
CA VAL A 224 9.16 -9.60 7.32
C VAL A 224 9.06 -8.53 8.41
C VAL A 224 9.06 -8.53 8.43
N LYS A 225 9.66 -7.31 8.37
CA LYS A 225 9.53 -6.36 9.49
C LYS A 225 8.12 -5.80 9.62
N TRP A 226 7.29 -5.97 8.58
CA TRP A 226 5.91 -5.53 8.65
C TRP A 226 4.96 -6.65 9.05
N MET A 227 5.47 -7.90 9.14
CA MET A 227 4.57 -9.05 9.12
C MET A 227 4.26 -9.52 10.55
N ALA A 228 3.04 -10.01 10.74
CA ALA A 228 2.59 -10.57 12.02
C ALA A 228 3.34 -11.87 12.26
N PRO A 229 3.62 -12.26 13.52
CA PRO A 229 4.34 -13.50 13.77
C PRO A 229 3.66 -14.73 13.17
N GLU A 230 2.32 -14.80 13.16
CA GLU A 230 1.60 -15.95 12.59
C GLU A 230 1.78 -15.99 11.07
N SER A 231 2.05 -14.85 10.41
CA SER A 231 2.30 -14.85 8.99
C SER A 231 3.69 -15.39 8.72
N ILE A 232 4.65 -15.06 9.57
CA ILE A 232 6.06 -15.49 9.40
C ILE A 232 6.16 -16.99 9.69
N PHE A 233 5.74 -17.42 10.87
CA PHE A 233 5.83 -18.81 11.35
C PHE A 233 4.84 -19.80 10.68
N ASP A 234 3.58 -19.41 10.46
CA ASP A 234 2.56 -20.37 9.96
C ASP A 234 2.03 -20.05 8.55
N CYS A 235 2.61 -19.06 7.90
CA CYS A 235 2.20 -18.55 6.56
C CYS A 235 0.69 -18.28 6.53
N VAL A 236 0.12 -17.79 7.63
CA VAL A 236 -1.29 -17.47 7.75
C VAL A 236 -1.42 -15.96 7.50
N TYR A 237 -2.30 -15.57 6.58
CA TYR A 237 -2.59 -14.17 6.30
C TYR A 237 -4.08 -13.98 6.48
N THR A 238 -4.45 -12.99 7.33
CA THR A 238 -5.83 -12.68 7.65
C THR A 238 -5.98 -11.16 7.72
N VAL A 239 -7.20 -10.67 7.86
CA VAL A 239 -7.38 -9.25 8.09
C VAL A 239 -6.67 -8.85 9.40
N GLN A 240 -6.60 -9.77 10.37
CA GLN A 240 -5.92 -9.47 11.62
C GLN A 240 -4.43 -9.33 11.41
N SER A 241 -3.84 -10.05 10.45
CA SER A 241 -2.42 -9.83 10.19
C SER A 241 -2.20 -8.50 9.45
N ASP A 242 -3.18 -8.07 8.65
CA ASP A 242 -3.07 -6.74 8.07
C ASP A 242 -3.10 -5.66 9.16
N VAL A 243 -3.85 -5.88 10.25
CA VAL A 243 -3.87 -4.92 11.33
C VAL A 243 -2.49 -4.81 11.97
N TRP A 244 -1.81 -5.95 12.19
CA TRP A 244 -0.43 -5.89 12.67
C TRP A 244 0.40 -4.95 11.78
N SER A 245 0.31 -5.17 10.47
CA SER A 245 1.12 -4.43 9.52
C SER A 245 0.75 -2.95 9.57
N TYR A 246 -0.54 -2.69 9.80
CA TYR A 246 -0.99 -1.31 9.92
C TYR A 246 -0.37 -0.65 11.15
N GLY A 247 -0.22 -1.41 12.22
CA GLY A 247 0.49 -0.88 13.38
C GLY A 247 1.90 -0.46 13.04
N ILE A 248 2.59 -1.25 12.21
CA ILE A 248 3.94 -0.92 11.80
C ILE A 248 3.92 0.34 10.94
N LEU A 249 2.89 0.46 10.10
N LEU A 249 2.89 0.46 10.11
CA LEU A 249 2.69 1.64 9.21
CA LEU A 249 2.68 1.63 9.21
C LEU A 249 2.51 2.87 10.11
C LEU A 249 2.51 2.87 10.11
N LEU A 250 1.71 2.74 11.17
CA LEU A 250 1.54 3.84 12.12
C LEU A 250 2.88 4.27 12.70
N TRP A 251 3.74 3.30 13.04
CA TRP A 251 5.07 3.62 13.56
C TRP A 251 5.90 4.37 12.51
N GLU A 252 5.77 3.97 11.24
CA GLU A 252 6.44 4.70 10.17
C GLU A 252 5.92 6.13 10.13
N ILE A 253 4.59 6.33 10.20
CA ILE A 253 4.05 7.68 10.10
C ILE A 253 4.56 8.56 11.24
N PHE A 254 4.47 8.07 12.48
CA PHE A 254 4.73 8.91 13.64
C PHE A 254 6.21 8.97 14.00
N SER A 255 7.05 8.31 13.17
CA SER A 255 8.49 8.54 13.19
C SER A 255 8.98 9.37 12.01
N LEU A 256 8.04 9.82 11.15
CA LEU A 256 8.32 10.48 9.88
C LEU A 256 9.24 9.63 9.01
N GLY A 257 8.98 8.32 8.98
CA GLY A 257 9.57 7.44 7.98
C GLY A 257 10.90 6.83 8.38
N LEU A 258 11.10 6.55 9.66
CA LEU A 258 12.18 5.66 10.03
C LEU A 258 11.89 4.24 9.55
N ASN A 259 12.96 3.46 9.36
CA ASN A 259 12.83 2.04 9.10
C ASN A 259 12.46 1.31 10.38
N PRO A 260 11.48 0.38 10.32
CA PRO A 260 11.10 -0.39 11.50
C PRO A 260 12.27 -1.20 12.04
N TYR A 261 12.24 -1.42 13.35
CA TYR A 261 13.27 -2.16 14.08
C TYR A 261 14.64 -1.68 13.64
N PRO A 262 14.91 -0.36 13.75
CA PRO A 262 16.08 0.22 13.11
C PRO A 262 17.37 -0.35 13.68
N GLY A 263 18.24 -0.76 12.75
CA GLY A 263 19.54 -1.30 13.07
C GLY A 263 19.52 -2.79 13.41
N ILE A 264 18.34 -3.42 13.44
CA ILE A 264 18.26 -4.82 13.83
C ILE A 264 18.24 -5.73 12.61
N LEU A 265 19.18 -6.68 12.57
CA LEU A 265 19.27 -7.66 11.50
C LEU A 265 18.14 -8.67 11.61
N VAL A 266 17.53 -9.04 10.47
CA VAL A 266 16.53 -10.10 10.42
C VAL A 266 17.24 -11.44 10.41
N ASN A 267 17.16 -12.15 11.53
CA ASN A 267 17.74 -13.47 11.70
C ASN A 267 16.85 -14.20 12.70
N SER A 268 17.26 -15.40 13.15
N SER A 268 17.26 -15.41 13.13
CA SER A 268 16.40 -16.24 13.97
CA SER A 268 16.43 -16.25 13.97
C SER A 268 16.17 -15.61 15.33
C SER A 268 16.15 -15.58 15.31
N LYS A 269 17.12 -14.81 15.81
CA LYS A 269 16.94 -14.07 17.04
C LYS A 269 15.85 -13.00 16.88
N PHE A 270 15.78 -12.29 15.75
CA PHE A 270 14.73 -11.25 15.52
C PHE A 270 13.35 -11.94 15.51
N TYR A 271 13.33 -13.08 14.83
CA TYR A 271 12.14 -13.91 14.61
C TYR A 271 11.61 -14.34 15.99
N LYS A 272 12.50 -14.77 16.88
CA LYS A 272 12.14 -15.26 18.23
C LYS A 272 11.70 -14.06 19.08
N LEU A 273 12.41 -12.95 18.98
CA LEU A 273 12.12 -11.75 19.76
C LEU A 273 10.68 -11.30 19.51
N VAL A 274 10.27 -11.32 18.25
CA VAL A 274 8.96 -10.75 17.93
C VAL A 274 7.87 -11.71 18.36
N LYS A 275 8.11 -13.01 18.18
CA LYS A 275 7.21 -14.09 18.66
C LYS A 275 7.09 -14.00 20.18
N ASP A 276 8.14 -13.56 20.89
CA ASP A 276 8.14 -13.52 22.35
C ASP A 276 7.58 -12.21 22.88
N GLY A 277 7.19 -11.30 21.97
CA GLY A 277 6.46 -10.12 22.38
C GLY A 277 7.26 -8.82 22.34
N TYR A 278 8.44 -8.81 21.71
CA TYR A 278 9.21 -7.59 21.56
C TYR A 278 8.45 -6.59 20.69
N GLN A 279 8.41 -5.34 21.12
CA GLN A 279 7.77 -4.29 20.34
C GLN A 279 8.71 -3.11 20.25
N MET A 280 8.58 -2.37 19.14
CA MET A 280 9.34 -1.15 18.95
C MET A 280 8.91 -0.15 20.02
N ALA A 281 9.80 0.79 20.34
CA ALA A 281 9.56 1.81 21.35
C ALA A 281 8.72 2.93 20.73
N GLN A 282 8.13 3.80 21.57
CA GLN A 282 7.29 4.90 21.11
C GLN A 282 8.08 5.79 20.15
N PRO A 283 7.55 6.06 18.94
CA PRO A 283 8.25 6.98 18.05
C PRO A 283 8.11 8.41 18.51
N ALA A 284 9.04 9.22 18.00
CA ALA A 284 9.26 10.56 18.55
C ALA A 284 7.98 11.41 18.50
N PHE A 285 7.09 11.20 17.52
CA PHE A 285 5.99 12.13 17.30
C PHE A 285 4.62 11.52 17.59
N ALA A 286 4.60 10.31 18.15
CA ALA A 286 3.35 9.67 18.53
C ALA A 286 2.88 10.19 19.88
N PRO A 287 1.65 10.72 19.97
CA PRO A 287 1.03 10.88 21.30
C PRO A 287 0.87 9.52 21.95
N LYS A 288 0.72 9.52 23.27
CA LYS A 288 0.65 8.28 24.01
C LYS A 288 -0.46 7.36 23.49
N ASN A 289 -1.64 7.90 23.18
CA ASN A 289 -2.74 7.04 22.79
C ASN A 289 -2.55 6.47 21.37
N ILE A 290 -1.76 7.12 20.51
CA ILE A 290 -1.39 6.56 19.21
C ILE A 290 -0.39 5.42 19.39
N TYR A 291 0.60 5.59 20.27
CA TYR A 291 1.48 4.47 20.59
C TYR A 291 0.70 3.31 21.19
N SER A 292 -0.30 3.58 22.03
CA SER A 292 -1.13 2.52 22.58
C SER A 292 -1.88 1.75 21.50
N ILE A 293 -2.38 2.44 20.48
CA ILE A 293 -3.11 1.71 19.46
C ILE A 293 -2.14 0.90 18.59
N MET A 294 -0.90 1.37 18.40
CA MET A 294 0.15 0.57 17.77
C MET A 294 0.37 -0.74 18.53
N GLN A 295 0.52 -0.59 19.84
CA GLN A 295 0.75 -1.71 20.71
C GLN A 295 -0.41 -2.70 20.61
N ALA A 296 -1.63 -2.19 20.52
CA ALA A 296 -2.81 -3.03 20.40
C ALA A 296 -2.83 -3.80 19.07
N CYS A 297 -2.35 -3.18 17.98
CA CYS A 297 -2.21 -3.86 16.70
C CYS A 297 -1.19 -4.99 16.78
N TRP A 298 -0.25 -4.90 17.72
CA TRP A 298 0.80 -5.88 17.89
C TRP A 298 0.50 -6.91 18.97
N ALA A 299 -0.77 -7.08 19.31
CA ALA A 299 -1.12 -8.17 20.21
C ALA A 299 -0.73 -9.48 19.55
N LEU A 300 -0.13 -10.39 20.33
CA LEU A 300 0.28 -11.66 19.81
C LEU A 300 -0.93 -12.52 19.46
N GLU A 301 -2.03 -12.38 20.21
CA GLU A 301 -3.25 -13.10 19.87
C GLU A 301 -4.00 -12.31 18.82
N PRO A 302 -4.14 -12.82 17.57
CA PRO A 302 -4.78 -12.00 16.52
C PRO A 302 -6.17 -11.46 16.84
N THR A 303 -7.01 -12.23 17.56
CA THR A 303 -8.38 -11.82 17.82
C THR A 303 -8.43 -10.71 18.87
N HIS A 304 -7.30 -10.42 19.50
CA HIS A 304 -7.26 -9.35 20.49
C HIS A 304 -6.90 -7.99 19.86
N ARG A 305 -6.44 -8.00 18.62
CA ARG A 305 -6.09 -6.76 17.94
C ARG A 305 -7.37 -6.01 17.64
N PRO A 306 -7.30 -4.67 17.47
CA PRO A 306 -8.47 -3.93 17.01
C PRO A 306 -8.83 -4.33 15.59
N THR A 307 -10.09 -4.08 15.25
CA THR A 307 -10.50 -4.17 13.86
C THR A 307 -10.20 -2.85 13.16
N PHE A 308 -10.23 -2.86 11.82
CA PHE A 308 -10.01 -1.61 11.10
C PHE A 308 -11.14 -0.62 11.41
N GLN A 309 -12.38 -1.10 11.63
CA GLN A 309 -13.43 -0.16 11.96
C GLN A 309 -13.18 0.50 13.32
N GLN A 310 -12.68 -0.24 14.31
CA GLN A 310 -12.33 0.36 15.58
C GLN A 310 -11.21 1.40 15.43
N ILE A 311 -10.21 1.10 14.62
CA ILE A 311 -9.15 2.05 14.36
C ILE A 311 -9.70 3.31 13.70
N CYS A 312 -10.59 3.15 12.72
CA CYS A 312 -11.18 4.29 12.03
C CYS A 312 -11.96 5.17 13.00
N SER A 313 -12.76 4.55 13.87
N SER A 313 -12.81 4.55 13.81
CA SER A 313 -13.61 5.28 14.79
CA SER A 313 -13.60 5.29 14.79
C SER A 313 -12.77 6.09 15.79
C SER A 313 -12.67 6.15 15.65
N PHE A 314 -11.64 5.50 16.22
CA PHE A 314 -10.74 6.16 17.13
C PHE A 314 -10.01 7.33 16.42
N LEU A 315 -9.49 7.08 15.21
CA LEU A 315 -8.64 8.04 14.56
C LEU A 315 -9.47 9.19 14.00
N GLN A 316 -10.72 8.95 13.66
CA GLN A 316 -11.58 10.02 13.13
C GLN A 316 -11.83 11.01 14.27
N GLU A 317 -12.02 10.50 15.48
CA GLU A 317 -12.19 11.39 16.62
C GLU A 317 -10.89 12.16 16.89
N GLN A 318 -9.74 11.49 16.85
CA GLN A 318 -8.49 12.14 17.17
C GLN A 318 -8.16 13.20 16.11
N ALA A 319 -8.42 12.89 14.84
CA ALA A 319 -8.05 13.79 13.75
C ALA A 319 -9.02 14.97 13.66
N GLN A 320 -10.24 14.82 14.17
CA GLN A 320 -11.20 15.92 14.13
C GLN A 320 -11.24 16.57 15.51
N GLU A 321 -10.14 17.25 15.85
CA GLU A 321 -10.06 18.12 17.01
C GLU A 321 -8.98 19.18 16.78
MG MG B . -16.22 8.52 -24.50
MG MG C . -19.52 14.86 -22.07
C1 GOL D . -15.60 4.39 -15.60
O1 GOL D . -14.82 4.90 -16.68
C2 GOL D . -16.45 3.25 -16.08
O2 GOL D . -15.82 2.65 -17.21
C3 GOL D . -16.70 2.19 -15.03
O3 GOL D . -17.97 2.36 -14.42
C1 A7O E . 4.05 9.21 -8.27
C2 A7O E . 5.04 8.29 -7.96
C3 A7O E . 4.72 6.94 -7.96
C4 A7O E . 2.52 7.40 -8.57
C5 A7O E . 2.78 8.75 -8.58
C6 A7O E . 4.32 10.69 -8.30
C7 A7O E . 1.12 6.90 -8.91
C10 A7O E . 1.71 4.36 -9.12
C11 A7O E . 0.45 3.61 -9.62
C12 A7O E . -0.36 4.88 -9.23
C13 A7O E . -0.22 2.46 -8.90
C14 A7O E . -1.19 1.68 -9.50
C15 A7O E . -1.82 0.68 -8.77
O9 A7O E . 0.21 7.71 -8.95
N22 A7O E . 3.49 6.50 -8.26
O23 A7O E . 5.34 11.04 -7.40
C32 A7O E . 5.70 12.41 -7.53
C33 A7O E . 6.64 12.80 -6.40
O36 A7O E . 7.80 12.04 -6.44
C34 A7O E . 6.98 14.29 -6.49
O35 A7O E . 7.39 14.71 -5.21
N8 A7O E . 0.90 5.59 -9.07
C18 A7O E . 0.05 2.26 -7.56
C17 A7O E . -0.57 1.28 -6.79
O19 A7O E . -0.30 1.06 -5.46
C20 A7O E . 0.50 1.95 -4.74
C16 A7O E . -1.52 0.48 -7.41
O21 A7O E . -2.20 -0.50 -6.76
C24 A7O E . -3.42 -1.03 -7.26
C25 A7O E . -4.05 -1.89 -6.20
C30 A7O E . -5.09 -1.37 -5.42
C29 A7O E . -5.68 -2.15 -4.45
C28 A7O E . -5.23 -3.46 -4.26
C27 A7O E . -4.20 -3.96 -4.99
C26 A7O E . -3.60 -3.18 -5.97
C31 A7O E . -5.85 -4.32 -3.18
C38 A7O E . -4.96 -5.14 -2.27
C37 A7O E . -5.81 -5.82 -3.33
#